data_2D7C
#
_entry.id   2D7C
#
_cell.length_a   108.717
_cell.length_b   120.565
_cell.length_c   36.249
_cell.angle_alpha   90.00
_cell.angle_beta   90.00
_cell.angle_gamma   90.00
#
_symmetry.space_group_name_H-M   'P 21 21 2'
#
loop_
_entity.id
_entity.type
_entity.pdbx_description
1 polymer 'Ras-related protein Rab-11A'
2 polymer 'Rab11 family-interacting protein 3'
3 non-polymer 'MAGNESIUM ION'
4 non-polymer "GUANOSINE-5'-TRIPHOSPHATE"
5 non-polymer '2-(N-MORPHOLINO)-ETHANESULFONIC ACID'
6 water water
#
loop_
_entity_poly.entity_id
_entity_poly.type
_entity_poly.pdbx_seq_one_letter_code
_entity_poly.pdbx_strand_id
1 'polypeptide(L)'
;EYDYLFKVVLIGDSGVGKSNLLSRFTRNEFNLESKSTIGVEFATRSIQVDGKTIKAQIWDTAGLERYRAITSAYYRGAVG
ALLVYDIAKHLTYENVERWLKELRDHADSNIVI(MSE)LVGNKSDLRHLRAVPTDEARAFAEKNGLSFIETSALDSTNVE
AAFQTILTEIY
;
A,B
2 'polypeptide(L)' VSRDEL(MSE)EAIQKQEEINFRLQDYIDRIIVAI(MSE)ETNPSILEVK C,D
#
loop_
_chem_comp.id
_chem_comp.type
_chem_comp.name
_chem_comp.formula
GTP non-polymer GUANOSINE-5'-TRIPHOSPHATE 'C10 H16 N5 O14 P3'
MES non-polymer '2-(N-MORPHOLINO)-ETHANESULFONIC ACID' 'C6 H13 N O4 S'
MG non-polymer 'MAGNESIUM ION' 'Mg 2'
#
# COMPACT_ATOMS: atom_id res chain seq x y z
N GLU A 1 -19.26 9.61 -26.88
CA GLU A 1 -19.22 8.19 -26.43
C GLU A 1 -20.48 7.79 -25.67
N TYR A 2 -20.74 8.45 -24.55
CA TYR A 2 -21.92 8.13 -23.74
C TYR A 2 -22.77 9.37 -23.45
N ASP A 3 -24.02 9.15 -23.08
CA ASP A 3 -24.92 10.25 -22.77
C ASP A 3 -24.90 10.55 -21.28
N TYR A 4 -24.86 9.50 -20.47
CA TYR A 4 -24.83 9.67 -19.02
C TYR A 4 -23.76 8.78 -18.38
N LEU A 5 -23.08 9.32 -17.38
CA LEU A 5 -22.06 8.59 -16.65
C LEU A 5 -22.62 8.39 -15.24
N PHE A 6 -22.70 7.15 -14.79
CA PHE A 6 -23.23 6.86 -13.45
C PHE A 6 -22.26 6.05 -12.61
N LYS A 7 -21.86 6.61 -11.47
CA LYS A 7 -20.97 5.93 -10.56
C LYS A 7 -21.78 5.06 -9.59
N VAL A 8 -21.47 3.77 -9.58
CA VAL A 8 -22.15 2.81 -8.71
C VAL A 8 -21.10 2.05 -7.92
N VAL A 9 -21.27 1.98 -6.60
CA VAL A 9 -20.30 1.28 -5.77
C VAL A 9 -20.81 -0.04 -5.21
N LEU A 10 -19.88 -0.95 -4.94
CA LEU A 10 -20.20 -2.25 -4.38
C LEU A 10 -19.72 -2.30 -2.93
N ILE A 11 -20.60 -2.72 -2.02
CA ILE A 11 -20.23 -2.82 -0.62
C ILE A 11 -20.77 -4.14 -0.08
N GLY A 12 -20.19 -4.60 1.02
CA GLY A 12 -20.61 -5.85 1.62
C GLY A 12 -19.42 -6.62 2.15
N ASP A 13 -19.68 -7.59 3.02
CA ASP A 13 -18.62 -8.39 3.63
C ASP A 13 -17.62 -9.03 2.68
N SER A 14 -16.40 -9.20 3.17
CA SER A 14 -15.36 -9.84 2.39
C SER A 14 -15.88 -11.24 2.04
N GLY A 15 -15.69 -11.63 0.79
CA GLY A 15 -16.12 -12.95 0.36
C GLY A 15 -17.51 -13.13 -0.20
N VAL A 16 -18.35 -12.08 -0.15
CA VAL A 16 -19.71 -12.22 -0.65
C VAL A 16 -19.84 -12.29 -2.17
N GLY A 17 -18.82 -11.83 -2.89
CA GLY A 17 -18.87 -11.91 -4.33
C GLY A 17 -18.87 -10.60 -5.10
N LYS A 18 -18.57 -9.51 -4.41
CA LYS A 18 -18.56 -8.20 -5.03
C LYS A 18 -17.71 -8.14 -6.31
N SER A 19 -16.46 -8.58 -6.23
CA SER A 19 -15.58 -8.52 -7.40
C SER A 19 -16.03 -9.37 -8.58
N ASN A 20 -16.71 -10.48 -8.31
CA ASN A 20 -17.19 -11.31 -9.39
C ASN A 20 -18.47 -10.75 -10.00
N LEU A 21 -19.19 -9.94 -9.23
CA LEU A 21 -20.37 -9.30 -9.78
C LEU A 21 -19.84 -8.24 -10.74
N LEU A 22 -18.75 -7.58 -10.36
CA LEU A 22 -18.13 -6.56 -11.21
C LEU A 22 -17.57 -7.20 -12.49
N SER A 23 -16.84 -8.30 -12.34
CA SER A 23 -16.25 -8.95 -13.51
C SER A 23 -17.31 -9.56 -14.42
N ARG A 24 -18.38 -10.08 -13.84
CA ARG A 24 -19.46 -10.66 -14.65
C ARG A 24 -20.12 -9.55 -15.48
N PHE A 25 -20.44 -8.44 -14.83
CA PHE A 25 -21.10 -7.33 -15.51
C PHE A 25 -20.24 -6.62 -16.56
N THR A 26 -18.98 -6.33 -16.24
CA THR A 26 -18.11 -5.63 -17.16
C THR A 26 -17.29 -6.44 -18.16
N ARG A 27 -17.04 -7.71 -17.86
CA ARG A 27 -16.24 -8.55 -18.76
C ARG A 27 -16.83 -9.93 -19.00
N ASN A 28 -18.04 -10.17 -18.49
CA ASN A 28 -18.69 -11.47 -18.64
C ASN A 28 -17.73 -12.54 -18.14
N GLU A 29 -17.07 -12.27 -17.03
CA GLU A 29 -16.11 -13.21 -16.46
C GLU A 29 -16.35 -13.54 -14.99
N PHE A 30 -16.10 -14.80 -14.64
CA PHE A 30 -16.23 -15.29 -13.28
C PHE A 30 -14.95 -16.04 -12.94
N ASN A 31 -14.50 -15.91 -11.70
CA ASN A 31 -13.28 -16.59 -11.26
C ASN A 31 -13.55 -17.23 -9.90
N LEU A 32 -13.60 -18.56 -9.88
CA LEU A 32 -13.85 -19.29 -8.64
C LEU A 32 -12.73 -19.14 -7.63
N GLU A 33 -11.55 -18.78 -8.11
CA GLU A 33 -10.39 -18.62 -7.24
C GLU A 33 -9.98 -17.17 -7.00
N SER A 34 -10.91 -16.24 -7.20
CA SER A 34 -10.58 -14.83 -6.99
C SER A 34 -10.10 -14.59 -5.56
N LYS A 35 -9.13 -13.69 -5.42
CA LYS A 35 -8.59 -13.38 -4.10
C LYS A 35 -9.15 -12.04 -3.60
N SER A 36 -9.06 -11.82 -2.29
CA SER A 36 -9.57 -10.60 -1.67
C SER A 36 -8.95 -9.39 -2.38
N THR A 37 -9.79 -8.39 -2.65
CA THR A 37 -9.35 -7.19 -3.37
C THR A 37 -8.38 -6.30 -2.62
N ILE A 38 -7.35 -5.86 -3.33
CA ILE A 38 -6.35 -4.98 -2.76
C ILE A 38 -6.62 -3.57 -3.27
N GLY A 39 -6.60 -2.59 -2.38
CA GLY A 39 -6.83 -1.23 -2.79
C GLY A 39 -8.25 -0.97 -3.23
N VAL A 40 -8.38 -0.08 -4.21
CA VAL A 40 -9.67 0.33 -4.74
C VAL A 40 -9.57 0.30 -6.26
N GLU A 41 -10.59 -0.24 -6.92
CA GLU A 41 -10.60 -0.24 -8.38
C GLU A 41 -11.98 0.03 -8.91
N PHE A 42 -12.05 0.30 -10.21
CA PHE A 42 -13.33 0.52 -10.85
C PHE A 42 -13.23 0.04 -12.28
N ALA A 43 -14.36 -0.35 -12.85
CA ALA A 43 -14.40 -0.83 -14.22
C ALA A 43 -15.65 -0.23 -14.85
N THR A 44 -15.64 -0.08 -16.17
CA THR A 44 -16.79 0.50 -16.86
C THR A 44 -17.48 -0.46 -17.81
N ARG A 45 -18.73 -0.13 -18.11
CA ARG A 45 -19.56 -0.91 -19.02
C ARG A 45 -20.60 0.06 -19.57
N SER A 46 -20.80 0.05 -20.88
CA SER A 46 -21.79 0.94 -21.46
C SER A 46 -23.01 0.10 -21.82
N ILE A 47 -24.20 0.59 -21.43
CA ILE A 47 -25.44 -0.11 -21.73
C ILE A 47 -26.47 0.85 -22.27
N GLN A 48 -27.53 0.31 -22.85
CA GLN A 48 -28.60 1.10 -23.41
C GLN A 48 -29.78 1.20 -22.45
N VAL A 49 -30.27 2.42 -22.25
CA VAL A 49 -31.40 2.67 -21.37
C VAL A 49 -32.28 3.77 -21.96
N ASP A 50 -33.52 3.41 -22.28
CA ASP A 50 -34.47 4.35 -22.86
C ASP A 50 -33.91 4.99 -24.12
N GLY A 51 -33.09 4.24 -24.84
CA GLY A 51 -32.49 4.76 -26.06
C GLY A 51 -31.28 5.63 -25.80
N LYS A 52 -30.82 5.64 -24.56
CA LYS A 52 -29.67 6.43 -24.16
C LYS A 52 -28.48 5.55 -23.80
N THR A 53 -27.27 6.01 -24.11
CA THR A 53 -26.07 5.26 -23.80
C THR A 53 -25.57 5.63 -22.41
N ILE A 54 -25.65 4.67 -21.50
CA ILE A 54 -25.23 4.89 -20.13
C ILE A 54 -23.88 4.25 -19.88
N LYS A 55 -22.96 5.03 -19.31
CA LYS A 55 -21.64 4.50 -19.00
C LYS A 55 -21.64 4.23 -17.50
N ALA A 56 -21.70 2.96 -17.13
CA ALA A 56 -21.70 2.59 -15.72
C ALA A 56 -20.26 2.47 -15.24
N GLN A 57 -19.95 3.18 -14.16
CA GLN A 57 -18.60 3.16 -13.60
C GLN A 57 -18.76 2.46 -12.26
N ILE A 58 -18.40 1.18 -12.23
CA ILE A 58 -18.55 0.36 -11.03
C ILE A 58 -17.29 0.31 -10.17
N TRP A 59 -17.41 0.74 -8.92
CA TRP A 59 -16.28 0.76 -8.00
C TRP A 59 -16.32 -0.44 -7.08
N ASP A 60 -15.13 -0.91 -6.70
CA ASP A 60 -14.99 -2.11 -5.87
C ASP A 60 -13.80 -1.97 -4.92
N THR A 61 -13.89 -2.63 -3.76
CA THR A 61 -12.82 -2.62 -2.76
C THR A 61 -13.13 -3.74 -1.78
N ALA A 62 -12.16 -4.18 -0.99
CA ALA A 62 -12.41 -5.27 -0.04
C ALA A 62 -13.46 -4.84 0.98
N GLY A 63 -14.26 -5.81 1.43
CA GLY A 63 -15.31 -5.52 2.41
C GLY A 63 -14.78 -5.66 3.81
N LEU A 64 -13.89 -4.75 4.19
CA LEU A 64 -13.30 -4.75 5.52
C LEU A 64 -14.26 -4.18 6.57
N GLU A 65 -14.61 -5.01 7.54
CA GLU A 65 -15.50 -4.60 8.62
C GLU A 65 -14.78 -3.57 9.47
N ARG A 66 -14.66 -2.36 8.95
CA ARG A 66 -13.97 -1.28 9.64
C ARG A 66 -14.12 -0.01 8.83
N TYR A 67 -14.06 1.14 9.49
CA TYR A 67 -14.15 2.40 8.78
C TYR A 67 -12.82 2.54 8.06
N ARG A 68 -12.82 3.19 6.90
CA ARG A 68 -11.57 3.35 6.17
C ARG A 68 -11.33 4.78 5.68
N ALA A 69 -10.07 5.12 5.54
CA ALA A 69 -9.70 6.45 5.08
C ALA A 69 -10.28 6.76 3.71
N ILE A 70 -10.55 5.70 2.93
CA ILE A 70 -11.09 5.85 1.58
C ILE A 70 -12.61 5.99 1.53
N THR A 71 -13.28 5.73 2.65
CA THR A 71 -14.73 5.78 2.69
C THR A 71 -15.41 7.01 2.07
N SER A 72 -14.99 8.20 2.48
CA SER A 72 -15.57 9.42 1.94
C SER A 72 -15.43 9.52 0.43
N ALA A 73 -14.22 9.30 -0.07
CA ALA A 73 -13.95 9.37 -1.50
C ALA A 73 -14.67 8.27 -2.27
N TYR A 74 -14.81 7.10 -1.65
CA TYR A 74 -15.47 5.96 -2.28
C TYR A 74 -16.94 6.26 -2.62
N TYR A 75 -17.67 6.88 -1.70
CA TYR A 75 -19.08 7.20 -1.94
C TYR A 75 -19.30 8.51 -2.70
N ARG A 76 -18.29 9.38 -2.71
CA ARG A 76 -18.40 10.67 -3.38
C ARG A 76 -18.88 10.59 -4.82
N GLY A 77 -20.00 11.25 -5.11
CA GLY A 77 -20.54 11.26 -6.46
C GLY A 77 -21.29 10.02 -6.88
N ALA A 78 -21.32 9.00 -6.01
CA ALA A 78 -22.01 7.76 -6.33
C ALA A 78 -23.52 7.99 -6.38
N VAL A 79 -24.16 7.50 -7.44
CA VAL A 79 -25.61 7.65 -7.56
C VAL A 79 -26.29 6.32 -7.29
N GLY A 80 -25.49 5.27 -7.16
CA GLY A 80 -26.05 3.96 -6.88
C GLY A 80 -25.11 3.10 -6.05
N ALA A 81 -25.68 2.12 -5.35
CA ALA A 81 -24.88 1.22 -4.53
C ALA A 81 -25.54 -0.16 -4.47
N LEU A 82 -24.71 -1.19 -4.57
CA LEU A 82 -25.19 -2.57 -4.45
C LEU A 82 -24.65 -3.02 -3.10
N LEU A 83 -25.56 -3.31 -2.18
CA LEU A 83 -25.19 -3.78 -0.85
C LEU A 83 -25.32 -5.29 -0.94
N VAL A 84 -24.19 -5.97 -0.96
CA VAL A 84 -24.16 -7.42 -1.15
C VAL A 84 -23.92 -8.30 0.06
N TYR A 85 -24.62 -9.42 0.11
CA TYR A 85 -24.42 -10.42 1.14
C TYR A 85 -24.42 -11.80 0.47
N ASP A 86 -24.11 -12.83 1.26
CA ASP A 86 -24.05 -14.21 0.78
C ASP A 86 -25.23 -14.96 1.39
N ILE A 87 -26.17 -15.38 0.56
CA ILE A 87 -27.35 -16.08 1.07
C ILE A 87 -27.02 -17.34 1.86
N ALA A 88 -25.80 -17.86 1.67
CA ALA A 88 -25.36 -19.07 2.35
C ALA A 88 -24.66 -18.77 3.67
N LYS A 89 -24.46 -17.50 3.97
CA LYS A 89 -23.79 -17.08 5.21
C LYS A 89 -24.61 -16.00 5.90
N HIS A 90 -25.42 -16.43 6.87
CA HIS A 90 -26.27 -15.49 7.58
C HIS A 90 -25.52 -14.34 8.23
N LEU A 91 -24.25 -14.54 8.56
CA LEU A 91 -23.45 -13.48 9.17
C LEU A 91 -23.31 -12.29 8.23
N THR A 92 -23.12 -12.56 6.94
CA THR A 92 -22.96 -11.47 5.98
C THR A 92 -24.24 -10.66 5.86
N TYR A 93 -25.37 -11.30 6.17
CA TYR A 93 -26.67 -10.62 6.10
C TYR A 93 -26.86 -9.76 7.35
N GLU A 94 -26.42 -10.29 8.49
CA GLU A 94 -26.54 -9.55 9.75
C GLU A 94 -25.76 -8.24 9.64
N ASN A 95 -24.63 -8.30 8.94
CA ASN A 95 -23.79 -7.12 8.77
C ASN A 95 -24.32 -6.12 7.75
N VAL A 96 -25.39 -6.48 7.04
CA VAL A 96 -25.96 -5.57 6.07
C VAL A 96 -26.31 -4.23 6.74
N GLU A 97 -26.87 -4.32 7.94
CA GLU A 97 -27.24 -3.12 8.69
C GLU A 97 -26.03 -2.20 8.90
N ARG A 98 -24.89 -2.80 9.24
CA ARG A 98 -23.68 -2.02 9.46
C ARG A 98 -23.26 -1.29 8.18
N TRP A 99 -23.34 -2.00 7.06
CA TRP A 99 -22.98 -1.40 5.77
C TRP A 99 -23.94 -0.27 5.40
N LEU A 100 -25.22 -0.48 5.66
CA LEU A 100 -26.22 0.54 5.34
C LEU A 100 -25.99 1.79 6.17
N LYS A 101 -25.58 1.62 7.42
CA LYS A 101 -25.32 2.77 8.29
C LYS A 101 -24.14 3.57 7.75
N GLU A 102 -23.09 2.86 7.35
CA GLU A 102 -21.90 3.51 6.81
C GLU A 102 -22.28 4.31 5.58
N LEU A 103 -23.14 3.72 4.76
CA LEU A 103 -23.59 4.38 3.53
C LEU A 103 -24.37 5.64 3.84
N ARG A 104 -25.31 5.55 4.79
CA ARG A 104 -26.12 6.70 5.17
C ARG A 104 -25.29 7.83 5.76
N ASP A 105 -24.13 7.50 6.32
CA ASP A 105 -23.27 8.52 6.93
C ASP A 105 -22.27 9.15 5.97
N HIS A 106 -22.18 8.66 4.73
CA HIS A 106 -21.22 9.23 3.79
C HIS A 106 -21.76 9.49 2.39
N ALA A 107 -22.74 8.70 1.97
CA ALA A 107 -23.30 8.83 0.62
C ALA A 107 -24.35 9.92 0.48
N ASP A 108 -24.60 10.32 -0.76
CA ASP A 108 -25.61 11.33 -1.05
C ASP A 108 -26.95 10.77 -0.57
N SER A 109 -27.81 11.64 -0.05
CA SER A 109 -29.11 11.22 0.46
C SER A 109 -30.02 10.56 -0.57
N ASN A 110 -29.85 10.92 -1.84
CA ASN A 110 -30.69 10.37 -2.90
C ASN A 110 -30.06 9.20 -3.66
N ILE A 111 -29.04 8.59 -3.07
CA ILE A 111 -28.40 7.45 -3.72
C ILE A 111 -29.35 6.26 -3.80
N VAL A 112 -29.38 5.59 -4.95
CA VAL A 112 -30.24 4.42 -5.12
C VAL A 112 -29.49 3.21 -4.58
N ILE A 113 -30.16 2.45 -3.73
CA ILE A 113 -29.55 1.30 -3.10
C ILE A 113 -30.28 0.00 -3.40
N MSE A 114 -29.54 -1.01 -3.83
CA MSE A 114 -30.12 -2.30 -4.10
C MSE A 114 -29.46 -3.35 -3.22
O MSE A 114 -28.24 -3.49 -3.22
CB MSE A 114 -29.95 -2.67 -5.57
CG MSE A 114 -30.58 -4.00 -5.94
SE MSE A 114 -30.32 -4.39 -7.82
CE MSE A 114 -31.66 -3.22 -8.54
N LEU A 115 -30.28 -4.08 -2.47
CA LEU A 115 -29.80 -5.15 -1.60
C LEU A 115 -29.65 -6.37 -2.51
N VAL A 116 -28.46 -6.96 -2.52
CA VAL A 116 -28.19 -8.11 -3.38
C VAL A 116 -27.78 -9.35 -2.61
N GLY A 117 -28.59 -10.40 -2.73
CA GLY A 117 -28.29 -11.65 -2.09
C GLY A 117 -27.59 -12.50 -3.13
N ASN A 118 -26.26 -12.58 -3.04
CA ASN A 118 -25.48 -13.32 -4.02
C ASN A 118 -25.27 -14.79 -3.61
N LYS A 119 -24.78 -15.58 -4.56
CA LYS A 119 -24.52 -17.01 -4.39
C LYS A 119 -25.81 -17.82 -4.29
N SER A 120 -26.80 -17.46 -5.11
CA SER A 120 -28.09 -18.15 -5.10
C SER A 120 -27.92 -19.58 -5.60
N ASP A 121 -26.80 -19.86 -6.26
CA ASP A 121 -26.53 -21.20 -6.76
C ASP A 121 -26.30 -22.16 -5.59
N LEU A 122 -26.09 -21.60 -4.40
CA LEU A 122 -25.87 -22.40 -3.20
C LEU A 122 -27.17 -22.51 -2.39
N ARG A 123 -28.30 -22.40 -3.09
CA ARG A 123 -29.61 -22.48 -2.43
C ARG A 123 -29.77 -23.69 -1.53
N HIS A 124 -29.07 -24.78 -1.83
CA HIS A 124 -29.15 -25.98 -1.02
C HIS A 124 -28.49 -25.72 0.34
N LEU A 125 -27.81 -24.59 0.45
CA LEU A 125 -27.14 -24.20 1.69
C LEU A 125 -27.62 -22.84 2.15
N ARG A 126 -28.81 -22.45 1.68
CA ARG A 126 -29.39 -21.16 2.04
C ARG A 126 -29.46 -20.97 3.55
N ALA A 127 -29.05 -19.79 4.00
CA ALA A 127 -29.07 -19.44 5.41
C ALA A 127 -29.84 -18.14 5.64
N VAL A 128 -30.21 -17.50 4.54
CA VAL A 128 -30.95 -16.25 4.60
C VAL A 128 -32.24 -16.35 3.79
N PRO A 129 -33.39 -16.46 4.46
CA PRO A 129 -34.68 -16.56 3.76
C PRO A 129 -34.92 -15.36 2.86
N THR A 130 -35.36 -15.63 1.64
CA THR A 130 -35.62 -14.57 0.67
C THR A 130 -36.66 -13.57 1.19
N ASP A 131 -37.73 -14.09 1.79
CA ASP A 131 -38.79 -13.25 2.32
C ASP A 131 -38.30 -12.26 3.37
N GLU A 132 -37.37 -12.70 4.21
CA GLU A 132 -36.83 -11.85 5.26
C GLU A 132 -35.99 -10.70 4.70
N ALA A 133 -35.16 -11.00 3.71
CA ALA A 133 -34.32 -9.99 3.09
C ALA A 133 -35.18 -8.97 2.35
N ARG A 134 -36.18 -9.46 1.63
CA ARG A 134 -37.08 -8.59 0.88
C ARG A 134 -37.80 -7.63 1.83
N ALA A 135 -38.17 -8.13 3.00
CA ALA A 135 -38.88 -7.32 3.99
C ALA A 135 -37.98 -6.20 4.50
N PHE A 136 -36.72 -6.54 4.74
CA PHE A 136 -35.75 -5.56 5.22
C PHE A 136 -35.54 -4.48 4.18
N ALA A 137 -35.43 -4.90 2.92
CA ALA A 137 -35.20 -3.96 1.82
C ALA A 137 -36.34 -2.96 1.66
N GLU A 138 -37.57 -3.45 1.55
CA GLU A 138 -38.72 -2.56 1.38
C GLU A 138 -38.86 -1.63 2.58
N LYS A 139 -38.54 -2.13 3.77
CA LYS A 139 -38.64 -1.34 4.98
C LYS A 139 -37.65 -0.17 4.94
N ASN A 140 -36.48 -0.39 4.34
CA ASN A 140 -35.47 0.65 4.26
C ASN A 140 -35.36 1.32 2.89
N GLY A 141 -36.39 1.14 2.07
CA GLY A 141 -36.39 1.75 0.75
C GLY A 141 -35.25 1.31 -0.15
N LEU A 142 -34.99 0.01 -0.16
CA LEU A 142 -33.94 -0.55 -1.00
C LEU A 142 -34.55 -1.51 -1.99
N SER A 143 -33.98 -1.60 -3.18
CA SER A 143 -34.46 -2.54 -4.17
C SER A 143 -33.91 -3.88 -3.69
N PHE A 144 -34.38 -4.98 -4.25
CA PHE A 144 -33.90 -6.29 -3.83
C PHE A 144 -33.87 -7.31 -4.95
N ILE A 145 -32.86 -8.16 -4.90
CA ILE A 145 -32.72 -9.21 -5.90
C ILE A 145 -31.70 -10.24 -5.42
N GLU A 146 -31.84 -11.46 -5.90
CA GLU A 146 -30.90 -12.52 -5.57
C GLU A 146 -30.16 -12.85 -6.85
N THR A 147 -28.85 -13.00 -6.74
CA THR A 147 -27.99 -13.27 -7.89
C THR A 147 -27.02 -14.42 -7.66
N SER A 148 -26.37 -14.83 -8.73
CA SER A 148 -25.34 -15.85 -8.68
C SER A 148 -24.30 -15.43 -9.71
N ALA A 149 -23.19 -14.87 -9.23
CA ALA A 149 -22.14 -14.46 -10.14
C ALA A 149 -21.57 -15.72 -10.78
N LEU A 150 -21.71 -16.85 -10.09
CA LEU A 150 -21.20 -18.12 -10.58
C LEU A 150 -21.94 -18.63 -11.82
N ASP A 151 -23.27 -18.70 -11.77
CA ASP A 151 -24.01 -19.17 -12.95
C ASP A 151 -24.63 -18.01 -13.74
N SER A 152 -24.37 -16.80 -13.26
CA SER A 152 -24.83 -15.54 -13.88
C SER A 152 -26.29 -15.15 -13.67
N THR A 153 -27.05 -15.97 -12.95
CA THR A 153 -28.47 -15.65 -12.73
C THR A 153 -28.69 -14.27 -12.13
N ASN A 154 -29.50 -13.47 -12.80
CA ASN A 154 -29.86 -12.11 -12.38
C ASN A 154 -28.76 -11.07 -12.24
N VAL A 155 -27.53 -11.40 -12.63
CA VAL A 155 -26.45 -10.42 -12.50
C VAL A 155 -26.68 -9.23 -13.43
N GLU A 156 -26.92 -9.49 -14.71
CA GLU A 156 -27.19 -8.43 -15.68
C GLU A 156 -28.45 -7.67 -15.26
N ALA A 157 -29.45 -8.42 -14.82
CA ALA A 157 -30.72 -7.85 -14.39
C ALA A 157 -30.54 -6.91 -13.21
N ALA A 158 -29.67 -7.27 -12.29
CA ALA A 158 -29.43 -6.44 -11.11
C ALA A 158 -28.87 -5.09 -11.52
N PHE A 159 -27.84 -5.08 -12.37
CA PHE A 159 -27.27 -3.81 -12.80
C PHE A 159 -28.21 -3.01 -13.69
N GLN A 160 -28.91 -3.72 -14.57
CA GLN A 160 -29.85 -3.04 -15.48
C GLN A 160 -30.95 -2.38 -14.66
N THR A 161 -31.44 -3.09 -13.65
CA THR A 161 -32.49 -2.58 -12.80
C THR A 161 -32.09 -1.35 -12.00
N ILE A 162 -30.93 -1.39 -11.35
CA ILE A 162 -30.51 -0.24 -10.56
C ILE A 162 -30.22 0.96 -11.46
N LEU A 163 -29.63 0.71 -12.63
CA LEU A 163 -29.32 1.80 -13.54
C LEU A 163 -30.61 2.40 -14.10
N THR A 164 -31.63 1.58 -14.25
CA THR A 164 -32.92 2.04 -14.76
C THR A 164 -33.60 2.92 -13.72
N GLU A 165 -33.41 2.58 -12.45
CA GLU A 165 -34.02 3.35 -11.36
C GLU A 165 -33.32 4.71 -11.26
N ILE A 166 -32.01 4.71 -11.45
CA ILE A 166 -31.23 5.93 -11.39
C ILE A 166 -31.67 6.84 -12.54
N TYR A 167 -31.93 6.24 -13.69
CA TYR A 167 -32.38 6.97 -14.86
C TYR A 167 -33.61 6.29 -15.44
N GLU B 1 14.64 31.38 2.06
CA GLU B 1 14.91 30.43 3.17
C GLU B 1 16.28 29.76 3.00
N TYR B 2 16.30 28.62 2.32
CA TYR B 2 17.56 27.90 2.09
C TYR B 2 18.18 28.33 0.77
N ASP B 3 19.50 28.16 0.65
CA ASP B 3 20.19 28.53 -0.57
C ASP B 3 20.26 27.37 -1.56
N TYR B 4 20.54 26.17 -1.05
CA TYR B 4 20.63 24.99 -1.90
C TYR B 4 19.83 23.83 -1.33
N LEU B 5 19.18 23.09 -2.21
CA LEU B 5 18.43 21.91 -1.82
C LEU B 5 19.15 20.70 -2.40
N PHE B 6 19.52 19.74 -1.56
CA PHE B 6 20.21 18.56 -2.04
C PHE B 6 19.47 17.28 -1.65
N LYS B 7 19.13 16.46 -2.63
CA LYS B 7 18.44 15.21 -2.35
C LYS B 7 19.47 14.11 -2.09
N VAL B 8 19.33 13.42 -0.96
CA VAL B 8 20.26 12.34 -0.62
C VAL B 8 19.41 11.14 -0.25
N VAL B 9 19.76 9.98 -0.79
CA VAL B 9 19.00 8.76 -0.49
C VAL B 9 19.77 7.77 0.37
N LEU B 10 19.03 7.00 1.17
CA LEU B 10 19.64 5.99 2.02
C LEU B 10 19.33 4.62 1.43
N ILE B 11 20.37 3.79 1.29
CA ILE B 11 20.17 2.45 0.75
C ILE B 11 20.96 1.46 1.59
N GLY B 12 20.57 0.19 1.51
CA GLY B 12 21.24 -0.85 2.28
C GLY B 12 20.23 -1.87 2.77
N ASP B 13 20.72 -3.04 3.19
CA ASP B 13 19.87 -4.11 3.67
C ASP B 13 18.89 -3.70 4.77
N SER B 14 17.77 -4.42 4.83
CA SER B 14 16.77 -4.20 5.87
C SER B 14 17.46 -4.44 7.20
N GLY B 15 17.18 -3.59 8.18
CA GLY B 15 17.77 -3.74 9.50
C GLY B 15 19.11 -3.09 9.80
N VAL B 16 19.78 -2.51 8.82
CA VAL B 16 21.08 -1.90 9.07
C VAL B 16 21.02 -0.58 9.84
N GLY B 17 19.86 0.07 9.85
CA GLY B 17 19.73 1.31 10.59
C GLY B 17 19.47 2.56 9.78
N LYS B 18 19.05 2.42 8.53
CA LYS B 18 18.77 3.57 7.66
C LYS B 18 17.80 4.56 8.29
N SER B 19 16.64 4.08 8.73
CA SER B 19 15.64 4.97 9.30
C SER B 19 16.09 5.68 10.56
N ASN B 20 16.95 5.04 11.35
CA ASN B 20 17.43 5.68 12.56
C ASN B 20 18.56 6.66 12.26
N LEU B 21 19.25 6.48 11.14
CA LEU B 21 20.27 7.44 10.75
C LEU B 21 19.49 8.69 10.31
N LEU B 22 18.37 8.48 9.64
CA LEU B 22 17.53 9.58 9.19
C LEU B 22 16.95 10.34 10.39
N SER B 23 16.37 9.63 11.35
CA SER B 23 15.78 10.29 12.51
C SER B 23 16.84 10.94 13.40
N ARG B 24 18.03 10.32 13.49
CA ARG B 24 19.09 10.90 14.30
C ARG B 24 19.53 12.23 13.69
N PHE B 25 19.74 12.23 12.38
CA PHE B 25 20.18 13.45 11.70
C PHE B 25 19.13 14.56 11.63
N THR B 26 17.89 14.21 11.30
CA THR B 26 16.86 15.23 11.16
C THR B 26 16.19 15.73 12.43
N ARG B 27 16.10 14.90 13.47
CA ARG B 27 15.47 15.37 14.71
C ARG B 27 16.12 14.85 15.99
N ASN B 28 17.36 14.39 15.88
CA ASN B 28 18.11 13.88 17.02
C ASN B 28 17.33 12.82 17.79
N GLU B 29 16.73 11.89 17.07
CA GLU B 29 15.94 10.84 17.70
C GLU B 29 16.38 9.45 17.28
N PHE B 30 16.36 8.53 18.24
CA PHE B 30 16.73 7.15 18.00
C PHE B 30 15.63 6.29 18.62
N ASN B 31 15.31 5.18 17.97
CA ASN B 31 14.28 4.28 18.49
C ASN B 31 14.72 2.83 18.35
N LEU B 32 14.94 2.18 19.48
CA LEU B 32 15.37 0.80 19.48
C LEU B 32 14.30 -0.12 18.92
N GLU B 33 13.04 0.30 18.99
CA GLU B 33 11.93 -0.52 18.53
C GLU B 33 11.38 -0.17 17.15
N SER B 34 12.16 0.54 16.33
CA SER B 34 11.68 0.89 15.00
C SER B 34 11.34 -0.34 14.16
N LYS B 35 10.29 -0.24 13.36
CA LYS B 35 9.86 -1.35 12.51
C LYS B 35 10.30 -1.14 11.06
N SER B 36 10.27 -2.19 10.26
CA SER B 36 10.67 -2.07 8.86
C SER B 36 9.83 -0.98 8.20
N THR B 37 10.49 -0.13 7.42
CA THR B 37 9.81 0.98 6.76
C THR B 37 8.81 0.57 5.69
N ILE B 38 7.64 1.18 5.75
CA ILE B 38 6.59 0.91 4.79
C ILE B 38 6.58 2.06 3.80
N GLY B 39 6.47 1.75 2.51
CA GLY B 39 6.44 2.78 1.51
C GLY B 39 7.75 3.54 1.38
N VAL B 40 7.62 4.83 1.08
CA VAL B 40 8.77 5.70 0.91
C VAL B 40 8.53 6.99 1.69
N GLU B 41 9.59 7.53 2.30
CA GLU B 41 9.47 8.79 3.02
C GLU B 41 10.74 9.60 2.94
N PHE B 42 10.64 10.86 3.33
CA PHE B 42 11.79 11.73 3.33
C PHE B 42 11.61 12.73 4.45
N ALA B 43 12.73 13.22 4.97
CA ALA B 43 12.72 14.21 6.04
C ALA B 43 13.79 15.23 5.68
N THR B 44 13.63 16.45 6.18
CA THR B 44 14.58 17.51 5.87
C THR B 44 15.33 18.06 7.08
N ARG B 45 16.50 18.60 6.80
CA ARG B 45 17.35 19.19 7.83
C ARG B 45 18.15 20.28 7.15
N SER B 46 18.23 21.44 7.77
CA SER B 46 19.01 22.54 7.20
C SER B 46 20.31 22.69 7.97
N ILE B 47 21.42 22.78 7.25
CA ILE B 47 22.73 22.96 7.87
C ILE B 47 23.48 24.09 7.18
N GLN B 48 24.55 24.55 7.82
CA GLN B 48 25.37 25.63 7.28
C GLN B 48 26.63 25.08 6.63
N VAL B 49 26.95 25.60 5.46
CA VAL B 49 28.14 25.17 4.74
C VAL B 49 28.75 26.35 3.97
N ASP B 50 29.94 26.76 4.39
CA ASP B 50 30.63 27.87 3.75
C ASP B 50 29.78 29.14 3.73
N GLY B 51 28.97 29.32 4.77
CA GLY B 51 28.13 30.50 4.84
C GLY B 51 26.81 30.37 4.10
N LYS B 52 26.57 29.20 3.51
CA LYS B 52 25.32 28.95 2.78
C LYS B 52 24.43 27.95 3.49
N THR B 53 23.13 28.21 3.45
CA THR B 53 22.15 27.33 4.08
C THR B 53 21.78 26.21 3.13
N ILE B 54 22.09 24.98 3.53
CA ILE B 54 21.79 23.81 2.72
C ILE B 54 20.61 23.06 3.30
N LYS B 55 19.61 22.78 2.47
CA LYS B 55 18.46 22.03 2.92
C LYS B 55 18.65 20.61 2.42
N ALA B 56 18.95 19.68 3.33
CA ALA B 56 19.14 18.29 2.95
C ALA B 56 17.80 17.59 3.00
N GLN B 57 17.42 16.97 1.89
CA GLN B 57 16.16 16.25 1.77
C GLN B 57 16.58 14.79 1.70
N ILE B 58 16.45 14.09 2.82
CA ILE B 58 16.89 12.71 2.93
C ILE B 58 15.76 11.71 2.73
N TRP B 59 15.93 10.86 1.73
CA TRP B 59 14.94 9.84 1.41
C TRP B 59 15.26 8.50 2.03
N ASP B 60 14.19 7.76 2.34
CA ASP B 60 14.30 6.48 3.02
C ASP B 60 13.22 5.52 2.55
N THR B 61 13.55 4.23 2.53
CA THR B 61 12.59 3.20 2.15
C THR B 61 13.18 1.88 2.64
N ALA B 62 12.37 0.83 2.73
CA ALA B 62 12.88 -0.44 3.21
C ALA B 62 13.91 -1.02 2.25
N GLY B 63 14.85 -1.79 2.80
CA GLY B 63 15.88 -2.41 1.98
C GLY B 63 15.66 -3.91 1.88
N LEU B 64 14.41 -4.33 2.02
CA LEU B 64 14.06 -5.76 1.95
C LEU B 64 14.27 -6.34 0.55
N GLU B 65 13.91 -5.56 -0.47
CA GLU B 65 14.06 -6.03 -1.84
C GLU B 65 14.66 -5.00 -2.77
N ARG B 66 15.11 -5.49 -3.92
CA ARG B 66 15.68 -4.63 -4.96
C ARG B 66 14.75 -4.83 -6.14
N TYR B 67 15.01 -4.12 -7.23
CA TYR B 67 14.16 -4.23 -8.41
C TYR B 67 12.72 -3.83 -8.09
N ARG B 68 12.55 -2.72 -7.39
CA ARG B 68 11.21 -2.24 -7.05
C ARG B 68 10.72 -1.20 -8.04
N ALA B 69 9.40 -1.07 -8.17
CA ALA B 69 8.82 -0.11 -9.09
C ALA B 69 9.21 1.33 -8.78
N ILE B 70 9.55 1.61 -7.52
CA ILE B 70 9.91 2.95 -7.11
C ILE B 70 11.39 3.29 -7.25
N THR B 71 12.20 2.33 -7.68
CA THR B 71 13.64 2.54 -7.82
C THR B 71 14.04 3.76 -8.65
N SER B 72 13.50 3.87 -9.86
CA SER B 72 13.84 5.00 -10.71
C SER B 72 13.51 6.34 -10.08
N ALA B 73 12.30 6.48 -9.55
CA ALA B 73 11.88 7.72 -8.92
C ALA B 73 12.68 7.98 -7.66
N TYR B 74 13.07 6.91 -6.97
CA TYR B 74 13.82 7.03 -5.73
C TYR B 74 15.16 7.73 -5.96
N TYR B 75 15.90 7.30 -6.98
CA TYR B 75 17.21 7.87 -7.27
C TYR B 75 17.16 9.16 -8.09
N ARG B 76 16.05 9.39 -8.78
CA ARG B 76 15.89 10.56 -9.62
C ARG B 76 16.21 11.88 -8.90
N GLY B 77 17.20 12.61 -9.42
CA GLY B 77 17.59 13.87 -8.84
C GLY B 77 18.46 13.81 -7.60
N ALA B 78 18.79 12.60 -7.14
CA ALA B 78 19.61 12.46 -5.95
C ALA B 78 21.06 12.81 -6.27
N VAL B 79 21.68 13.63 -5.43
CA VAL B 79 23.08 14.02 -5.63
C VAL B 79 23.99 13.30 -4.65
N GLY B 80 23.37 12.64 -3.68
CA GLY B 80 24.13 11.90 -2.69
C GLY B 80 23.44 10.62 -2.28
N ALA B 81 24.23 9.65 -1.83
CA ALA B 81 23.70 8.37 -1.38
C ALA B 81 24.56 7.79 -0.27
N LEU B 82 23.89 7.35 0.80
CA LEU B 82 24.59 6.70 1.90
C LEU B 82 24.26 5.23 1.71
N LEU B 83 25.28 4.42 1.43
CA LEU B 83 25.11 2.98 1.24
C LEU B 83 25.47 2.41 2.61
N VAL B 84 24.46 1.95 3.33
CA VAL B 84 24.63 1.47 4.69
C VAL B 84 24.64 -0.03 4.94
N TYR B 85 25.53 -0.47 5.82
CA TYR B 85 25.59 -1.86 6.24
C TYR B 85 25.70 -1.86 7.76
N ASP B 86 25.53 -3.05 8.34
CA ASP B 86 25.58 -3.24 9.78
C ASP B 86 26.92 -3.87 10.14
N ILE B 87 27.74 -3.15 10.90
CA ILE B 87 29.05 -3.67 11.28
C ILE B 87 28.95 -5.03 11.97
N ALA B 88 27.84 -5.27 12.67
CA ALA B 88 27.63 -6.52 13.39
C ALA B 88 26.99 -7.64 12.56
N LYS B 89 26.70 -7.37 11.30
CA LYS B 89 26.10 -8.38 10.42
C LYS B 89 26.85 -8.44 9.11
N HIS B 90 27.81 -9.37 9.03
CA HIS B 90 28.63 -9.50 7.84
C HIS B 90 27.83 -9.64 6.53
N LEU B 91 26.69 -10.32 6.59
CA LEU B 91 25.87 -10.49 5.38
C LEU B 91 25.46 -9.14 4.77
N THR B 92 25.17 -8.15 5.61
CA THR B 92 24.77 -6.84 5.11
C THR B 92 25.91 -6.16 4.38
N TYR B 93 27.14 -6.51 4.74
CA TYR B 93 28.32 -5.96 4.09
C TYR B 93 28.56 -6.70 2.77
N GLU B 94 28.26 -8.00 2.77
CA GLU B 94 28.44 -8.80 1.57
C GLU B 94 27.52 -8.32 0.45
N ASN B 95 26.38 -7.76 0.82
CA ASN B 95 25.43 -7.27 -0.17
C ASN B 95 25.69 -5.84 -0.64
N VAL B 96 26.71 -5.20 -0.06
CA VAL B 96 27.05 -3.84 -0.44
C VAL B 96 27.27 -3.74 -1.95
N GLU B 97 27.96 -4.72 -2.52
CA GLU B 97 28.22 -4.71 -3.96
C GLU B 97 26.92 -4.70 -4.77
N ARG B 98 25.90 -5.41 -4.26
CA ARG B 98 24.62 -5.48 -4.95
C ARG B 98 23.96 -4.10 -4.96
N TRP B 99 24.04 -3.39 -3.84
CA TRP B 99 23.46 -2.06 -3.75
C TRP B 99 24.24 -1.09 -4.63
N LEU B 100 25.55 -1.23 -4.66
CA LEU B 100 26.39 -0.36 -5.48
C LEU B 100 26.01 -0.54 -6.95
N LYS B 101 25.71 -1.77 -7.35
CA LYS B 101 25.34 -2.03 -8.72
C LYS B 101 24.02 -1.36 -9.05
N GLU B 102 23.08 -1.37 -8.10
CA GLU B 102 21.79 -0.74 -8.32
C GLU B 102 22.01 0.76 -8.55
N LEU B 103 22.94 1.34 -7.80
CA LEU B 103 23.26 2.76 -7.91
C LEU B 103 23.77 3.08 -9.31
N ARG B 104 24.77 2.31 -9.75
CA ARG B 104 25.36 2.51 -11.07
C ARG B 104 24.30 2.40 -12.17
N ASP B 105 23.34 1.49 -11.99
CA ASP B 105 22.31 1.27 -13.01
C ASP B 105 21.11 2.23 -13.01
N HIS B 106 20.85 2.92 -11.91
CA HIS B 106 19.70 3.84 -11.89
C HIS B 106 19.99 5.27 -11.49
N ALA B 107 21.04 5.48 -10.71
CA ALA B 107 21.38 6.82 -10.26
C ALA B 107 22.25 7.57 -11.26
N ASP B 108 22.29 8.90 -11.10
CA ASP B 108 23.10 9.74 -11.99
C ASP B 108 24.56 9.39 -11.71
N SER B 109 25.38 9.37 -12.77
CA SER B 109 26.79 9.03 -12.64
C SER B 109 27.56 9.99 -11.74
N ASN B 110 27.03 11.19 -11.54
CA ASN B 110 27.68 12.20 -10.72
C ASN B 110 27.36 12.08 -9.24
N ILE B 111 26.47 11.16 -8.88
CA ILE B 111 26.10 10.99 -7.49
C ILE B 111 27.28 10.68 -6.59
N VAL B 112 27.31 11.31 -5.42
CA VAL B 112 28.37 11.11 -4.44
C VAL B 112 27.91 9.97 -3.54
N ILE B 113 28.75 8.94 -3.41
CA ILE B 113 28.39 7.78 -2.60
C ILE B 113 29.29 7.62 -1.39
N MSE B 114 28.68 7.43 -0.22
CA MSE B 114 29.42 7.23 1.01
C MSE B 114 29.05 5.90 1.62
O MSE B 114 27.88 5.60 1.85
CB MSE B 114 29.11 8.35 2.01
CG MSE B 114 29.88 8.24 3.32
SE MSE B 114 29.50 9.70 4.54
CE MSE B 114 30.61 11.05 3.75
N LEU B 115 30.07 5.06 1.84
CA LEU B 115 29.83 3.76 2.45
C LEU B 115 29.77 3.99 3.95
N VAL B 116 28.69 3.53 4.57
CA VAL B 116 28.50 3.72 5.99
C VAL B 116 28.33 2.42 6.77
N GLY B 117 29.25 2.18 7.70
CA GLY B 117 29.15 0.99 8.53
C GLY B 117 28.48 1.47 9.79
N ASN B 118 27.24 1.04 10.03
CA ASN B 118 26.49 1.46 11.20
C ASN B 118 26.55 0.46 12.36
N LYS B 119 26.09 0.91 13.53
CA LYS B 119 26.04 0.12 14.76
C LYS B 119 27.42 -0.11 15.38
N SER B 120 28.28 0.91 15.31
CA SER B 120 29.63 0.81 15.89
C SER B 120 29.57 0.67 17.40
N ASP B 121 28.42 0.95 17.99
CA ASP B 121 28.25 0.85 19.43
C ASP B 121 28.25 -0.61 19.90
N LEU B 122 27.99 -1.53 18.98
CA LEU B 122 27.96 -2.95 19.29
C LEU B 122 29.38 -3.51 19.19
N ARG B 123 30.25 -3.04 20.09
CA ARG B 123 31.66 -3.43 20.12
C ARG B 123 31.88 -4.93 20.25
N HIS B 124 31.10 -5.57 21.12
CA HIS B 124 31.24 -6.99 21.36
C HIS B 124 30.72 -7.87 20.23
N LEU B 125 30.19 -7.24 19.17
CA LEU B 125 29.64 -7.99 18.04
C LEU B 125 30.16 -7.60 16.66
N ARG B 126 31.21 -6.80 16.61
CA ARG B 126 31.75 -6.37 15.31
C ARG B 126 32.08 -7.58 14.43
N ALA B 127 31.62 -7.55 13.18
CA ALA B 127 31.87 -8.65 12.25
C ALA B 127 32.52 -8.19 10.95
N VAL B 128 32.57 -6.88 10.72
CA VAL B 128 33.17 -6.33 9.51
C VAL B 128 34.38 -5.47 9.84
N PRO B 129 35.59 -5.97 9.51
CA PRO B 129 36.83 -5.23 9.77
C PRO B 129 36.82 -3.87 9.09
N THR B 130 37.18 -2.84 9.85
CA THR B 130 37.20 -1.47 9.33
C THR B 130 38.13 -1.32 8.12
N ASP B 131 39.33 -1.88 8.21
CA ASP B 131 40.28 -1.78 7.10
C ASP B 131 39.76 -2.42 5.83
N GLU B 132 39.01 -3.51 5.96
CA GLU B 132 38.47 -4.18 4.79
C GLU B 132 37.44 -3.29 4.10
N ALA B 133 36.51 -2.74 4.88
CA ALA B 133 35.48 -1.89 4.34
C ALA B 133 36.07 -0.62 3.71
N ARG B 134 37.03 -0.01 4.42
CA ARG B 134 37.65 1.20 3.91
C ARG B 134 38.37 0.91 2.59
N ALA B 135 38.92 -0.29 2.46
CA ALA B 135 39.61 -0.68 1.23
C ALA B 135 38.63 -0.78 0.08
N PHE B 136 37.47 -1.39 0.34
CA PHE B 136 36.44 -1.54 -0.68
C PHE B 136 35.98 -0.15 -1.12
N ALA B 137 35.84 0.76 -0.17
CA ALA B 137 35.40 2.12 -0.48
C ALA B 137 36.40 2.80 -1.40
N GLU B 138 37.66 2.86 -0.95
CA GLU B 138 38.71 3.50 -1.73
C GLU B 138 38.86 2.90 -3.12
N LYS B 139 38.61 1.60 -3.25
CA LYS B 139 38.72 0.93 -4.53
C LYS B 139 37.57 1.26 -5.47
N ASN B 140 36.37 1.46 -4.90
CA ASN B 140 35.21 1.78 -5.70
C ASN B 140 34.89 3.28 -5.76
N GLY B 141 35.82 4.09 -5.29
CA GLY B 141 35.62 5.54 -5.31
C GLY B 141 34.48 6.01 -4.43
N LEU B 142 34.43 5.50 -3.20
CA LEU B 142 33.40 5.87 -2.26
C LEU B 142 34.03 6.40 -0.98
N SER B 143 33.38 7.35 -0.31
CA SER B 143 33.91 7.85 0.94
C SER B 143 33.51 6.79 1.97
N PHE B 144 34.09 6.85 3.17
CA PHE B 144 33.79 5.84 4.19
C PHE B 144 33.78 6.36 5.62
N ILE B 145 32.84 5.86 6.40
CA ILE B 145 32.73 6.26 7.79
C ILE B 145 31.95 5.21 8.58
N GLU B 146 32.27 5.08 9.86
CA GLU B 146 31.57 4.16 10.74
C GLU B 146 30.72 4.98 11.69
N THR B 147 29.45 4.61 11.81
CA THR B 147 28.51 5.35 12.65
C THR B 147 27.78 4.48 13.66
N SER B 148 27.04 5.17 14.53
CA SER B 148 26.18 4.57 15.52
C SER B 148 25.00 5.51 15.67
N ALA B 149 23.86 5.11 15.11
CA ALA B 149 22.68 5.94 15.24
C ALA B 149 22.27 5.91 16.70
N LEU B 150 22.61 4.82 17.38
CA LEU B 150 22.26 4.66 18.78
C LEU B 150 22.95 5.64 19.73
N ASP B 151 24.28 5.76 19.65
CA ASP B 151 24.97 6.70 20.54
C ASP B 151 25.35 7.99 19.81
N SER B 152 24.93 8.08 18.55
CA SER B 152 25.16 9.25 17.70
C SER B 152 26.55 9.42 17.10
N THR B 153 27.49 8.56 17.47
CA THR B 153 28.86 8.69 16.94
C THR B 153 28.91 8.79 15.41
N ASN B 154 29.54 9.86 14.94
CA ASN B 154 29.74 10.14 13.52
C ASN B 154 28.52 10.31 12.62
N VAL B 155 27.33 10.37 13.20
CA VAL B 155 26.14 10.53 12.35
C VAL B 155 26.14 11.92 11.72
N GLU B 156 26.31 12.95 12.55
CA GLU B 156 26.33 14.31 12.05
C GLU B 156 27.47 14.44 11.03
N ALA B 157 28.64 13.90 11.39
CA ALA B 157 29.81 13.95 10.52
C ALA B 157 29.56 13.31 9.15
N ALA B 158 28.84 12.20 9.13
CA ALA B 158 28.55 11.49 7.89
C ALA B 158 27.76 12.38 6.93
N PHE B 159 26.64 12.92 7.39
CA PHE B 159 25.82 13.78 6.54
C PHE B 159 26.54 15.08 6.21
N GLN B 160 27.24 15.64 7.19
CA GLN B 160 27.97 16.88 6.98
C GLN B 160 29.03 16.69 5.90
N THR B 161 29.73 15.57 5.95
CA THR B 161 30.78 15.27 4.99
C THR B 161 30.27 15.05 3.57
N ILE B 162 29.21 14.25 3.41
CA ILE B 162 28.71 14.00 2.07
C ILE B 162 28.14 15.28 1.45
N LEU B 163 27.46 16.08 2.27
CA LEU B 163 26.88 17.33 1.78
C LEU B 163 28.00 18.29 1.38
N THR B 164 29.10 18.24 2.10
CA THR B 164 30.24 19.10 1.81
C THR B 164 30.92 18.64 0.53
N GLU B 165 30.91 17.33 0.30
CA GLU B 165 31.51 16.75 -0.91
C GLU B 165 30.73 17.25 -2.13
N ILE B 166 29.41 17.29 -1.99
CA ILE B 166 28.53 17.72 -3.06
C ILE B 166 28.64 19.23 -3.28
N TYR B 167 28.67 19.99 -2.19
CA TYR B 167 28.79 21.44 -2.26
C TYR B 167 30.08 21.82 -2.97
N VAL C 1 13.56 -23.17 14.35
CA VAL C 1 12.52 -22.24 14.88
C VAL C 1 11.57 -22.98 15.82
N SER C 2 11.50 -22.49 17.07
CA SER C 2 10.63 -23.11 18.07
C SER C 2 9.17 -22.78 17.80
N ARG C 3 8.29 -23.48 18.51
CA ARG C 3 6.85 -23.25 18.35
C ARG C 3 6.46 -21.83 18.71
N ASP C 4 7.02 -21.32 19.81
CA ASP C 4 6.71 -19.96 20.24
C ASP C 4 7.12 -18.96 19.17
N GLU C 5 8.28 -19.19 18.58
CA GLU C 5 8.79 -18.30 17.54
C GLU C 5 7.90 -18.30 16.31
N LEU C 6 7.38 -19.47 15.95
CA LEU C 6 6.50 -19.59 14.79
C LEU C 6 5.19 -18.86 15.01
N MSE C 7 4.65 -18.96 16.23
CA MSE C 7 3.40 -18.29 16.54
C MSE C 7 3.61 -16.78 16.61
O MSE C 7 2.73 -16.00 16.25
CB MSE C 7 2.84 -18.79 17.88
CG MSE C 7 2.34 -20.23 17.81
SE MSE C 7 1.64 -20.82 19.51
CE MSE C 7 3.28 -21.51 20.27
N GLU C 8 4.79 -16.37 17.06
CA GLU C 8 5.11 -14.96 17.16
C GLU C 8 5.27 -14.39 15.74
N ALA C 9 5.81 -15.21 14.84
CA ALA C 9 6.02 -14.78 13.46
C ALA C 9 4.68 -14.57 12.76
N ILE C 10 3.71 -15.42 13.05
CA ILE C 10 2.39 -15.30 12.45
C ILE C 10 1.78 -13.99 12.93
N GLN C 11 1.88 -13.75 14.23
CA GLN C 11 1.34 -12.53 14.82
C GLN C 11 2.03 -11.31 14.19
N LYS C 12 3.35 -11.40 14.03
CA LYS C 12 4.11 -10.31 13.46
C LYS C 12 3.68 -10.01 12.02
N GLN C 13 3.51 -11.06 11.22
CA GLN C 13 3.10 -10.87 9.82
C GLN C 13 1.68 -10.32 9.73
N GLU C 14 0.83 -10.69 10.69
CA GLU C 14 -0.54 -10.19 10.69
C GLU C 14 -0.56 -8.71 11.06
N GLU C 15 0.32 -8.32 11.98
CA GLU C 15 0.38 -6.93 12.39
C GLU C 15 0.87 -6.10 11.22
N ILE C 16 1.88 -6.60 10.52
CA ILE C 16 2.43 -5.91 9.35
C ILE C 16 1.33 -5.75 8.31
N ASN C 17 0.56 -6.80 8.09
CA ASN C 17 -0.52 -6.76 7.10
C ASN C 17 -1.51 -5.63 7.40
N PHE C 18 -1.85 -5.45 8.66
CA PHE C 18 -2.77 -4.39 9.06
C PHE C 18 -2.16 -3.02 8.76
N ARG C 19 -0.87 -2.87 9.07
CA ARG C 19 -0.20 -1.61 8.82
C ARG C 19 -0.11 -1.33 7.32
N LEU C 20 0.11 -2.37 6.52
CA LEU C 20 0.19 -2.18 5.07
C LEU C 20 -1.18 -1.76 4.51
N GLN C 21 -2.24 -2.42 4.96
CA GLN C 21 -3.58 -2.09 4.50
C GLN C 21 -3.93 -0.64 4.86
N ASP C 22 -3.54 -0.22 6.06
CA ASP C 22 -3.81 1.16 6.48
C ASP C 22 -3.06 2.15 5.60
N TYR C 23 -1.81 1.84 5.30
CA TYR C 23 -0.99 2.69 4.47
C TYR C 23 -1.58 2.80 3.07
N ILE C 24 -1.98 1.66 2.50
CA ILE C 24 -2.59 1.66 1.17
C ILE C 24 -3.80 2.60 1.16
N ASP C 25 -4.63 2.51 2.18
CA ASP C 25 -5.81 3.36 2.26
C ASP C 25 -5.44 4.83 2.31
N ARG C 26 -4.39 5.15 3.06
CA ARG C 26 -3.94 6.54 3.19
C ARG C 26 -3.48 7.07 1.84
N ILE C 27 -2.69 6.27 1.13
CA ILE C 27 -2.15 6.66 -0.17
C ILE C 27 -3.22 6.70 -1.27
N ILE C 28 -4.17 5.77 -1.21
CA ILE C 28 -5.24 5.70 -2.20
C ILE C 28 -6.11 6.95 -2.17
N VAL C 29 -6.37 7.47 -0.98
CA VAL C 29 -7.19 8.67 -0.84
C VAL C 29 -6.61 9.77 -1.74
N ALA C 30 -5.30 9.98 -1.64
CA ALA C 30 -4.64 10.99 -2.46
C ALA C 30 -4.88 10.72 -3.94
N ILE C 31 -4.71 9.47 -4.36
CA ILE C 31 -4.91 9.10 -5.76
C ILE C 31 -6.35 9.33 -6.20
N MSE C 32 -7.31 8.92 -5.38
CA MSE C 32 -8.71 9.10 -5.71
C MSE C 32 -9.09 10.57 -5.84
O MSE C 32 -9.99 10.92 -6.60
CB MSE C 32 -9.60 8.42 -4.66
CG MSE C 32 -9.60 6.91 -4.74
SE MSE C 32 -10.44 6.09 -3.21
CE MSE C 32 -12.28 6.19 -3.80
N GLU C 33 -8.37 11.43 -5.11
CA GLU C 33 -8.65 12.86 -5.13
C GLU C 33 -7.74 13.64 -6.09
N THR C 34 -7.00 12.93 -6.93
CA THR C 34 -6.10 13.57 -7.89
C THR C 34 -6.20 12.93 -9.27
N ASN C 35 -5.79 11.68 -9.37
CA ASN C 35 -5.84 10.97 -10.64
C ASN C 35 -6.30 9.53 -10.45
N PRO C 36 -7.61 9.33 -10.23
CA PRO C 36 -8.20 8.00 -10.03
C PRO C 36 -8.18 7.10 -11.26
N SER C 37 -7.79 7.66 -12.41
CA SER C 37 -7.75 6.87 -13.64
C SER C 37 -6.84 5.64 -13.51
N ILE C 38 -5.80 5.74 -12.68
CA ILE C 38 -4.88 4.63 -12.51
C ILE C 38 -5.51 3.47 -11.75
N LEU C 39 -6.70 3.69 -11.20
CA LEU C 39 -7.39 2.65 -10.44
C LEU C 39 -8.33 1.82 -11.32
N GLU C 40 -8.40 2.15 -12.60
CA GLU C 40 -9.28 1.42 -13.51
C GLU C 40 -8.73 0.03 -13.84
N VAL C 41 -9.64 -0.94 -13.98
CA VAL C 41 -9.26 -2.29 -14.35
C VAL C 41 -10.08 -2.67 -15.57
N LYS C 42 -9.50 -3.51 -16.42
CA LYS C 42 -10.15 -3.98 -17.65
C LYS C 42 -9.69 -5.41 -17.92
N VAL D 1 -2.21 -25.65 14.48
CA VAL D 1 -2.16 -26.83 15.40
C VAL D 1 -0.86 -27.60 15.20
N SER D 2 -0.48 -27.82 13.94
CA SER D 2 0.74 -28.53 13.60
C SER D 2 1.87 -27.58 13.23
N ARG D 3 3.09 -28.08 13.24
CA ARG D 3 4.26 -27.27 12.88
C ARG D 3 4.20 -26.88 11.41
N ASP D 4 3.68 -27.78 10.58
CA ASP D 4 3.55 -27.53 9.16
C ASP D 4 2.50 -26.45 8.91
N GLU D 5 1.40 -26.54 9.64
CA GLU D 5 0.31 -25.58 9.50
C GLU D 5 0.80 -24.18 9.88
N LEU D 6 1.62 -24.11 10.93
CA LEU D 6 2.16 -22.84 11.39
C LEU D 6 3.03 -22.21 10.30
N MSE D 7 3.98 -22.98 9.78
CA MSE D 7 4.88 -22.48 8.75
C MSE D 7 4.07 -22.13 7.50
O MSE D 7 4.37 -21.15 6.83
CB MSE D 7 5.94 -23.54 8.41
CG MSE D 7 6.83 -23.91 9.58
SE MSE D 7 8.24 -25.15 9.10
CE MSE D 7 7.22 -26.79 9.15
N GLU D 8 3.06 -22.95 7.20
CA GLU D 8 2.21 -22.71 6.05
C GLU D 8 1.45 -21.40 6.21
N ALA D 9 0.97 -21.16 7.43
CA ALA D 9 0.24 -19.94 7.73
C ALA D 9 1.16 -18.73 7.56
N ILE D 10 2.42 -18.90 7.94
CA ILE D 10 3.40 -17.83 7.83
C ILE D 10 3.67 -17.48 6.37
N GLN D 11 3.93 -18.49 5.55
CA GLN D 11 4.22 -18.25 4.14
C GLN D 11 3.03 -17.64 3.41
N LYS D 12 1.82 -18.08 3.76
CA LYS D 12 0.62 -17.55 3.12
C LYS D 12 0.44 -16.07 3.45
N GLN D 13 0.69 -15.69 4.71
CA GLN D 13 0.56 -14.30 5.11
C GLN D 13 1.67 -13.46 4.48
N GLU D 14 2.86 -14.02 4.40
CA GLU D 14 3.99 -13.31 3.80
C GLU D 14 3.71 -13.05 2.33
N GLU D 15 3.06 -14.00 1.66
CA GLU D 15 2.72 -13.90 0.25
C GLU D 15 1.74 -12.77 0.03
N ILE D 16 0.72 -12.72 0.89
CA ILE D 16 -0.29 -11.65 0.79
C ILE D 16 0.41 -10.33 1.02
N ASN D 17 1.30 -10.28 2.00
CA ASN D 17 2.02 -9.05 2.29
C ASN D 17 2.88 -8.62 1.11
N PHE D 18 3.46 -9.56 0.38
CA PHE D 18 4.26 -9.21 -0.78
C PHE D 18 3.39 -8.55 -1.84
N ARG D 19 2.17 -9.05 -2.00
CA ARG D 19 1.25 -8.50 -2.98
C ARG D 19 0.84 -7.08 -2.56
N LEU D 20 0.68 -6.88 -1.26
CA LEU D 20 0.32 -5.55 -0.75
C LEU D 20 1.48 -4.58 -0.96
N GLN D 21 2.70 -5.07 -0.73
CA GLN D 21 3.89 -4.23 -0.91
C GLN D 21 4.06 -3.83 -2.37
N ASP D 22 3.76 -4.76 -3.28
CA ASP D 22 3.85 -4.48 -4.72
C ASP D 22 2.86 -3.38 -5.09
N TYR D 23 1.64 -3.48 -4.56
CA TYR D 23 0.61 -2.49 -4.84
C TYR D 23 1.04 -1.13 -4.29
N ILE D 24 1.58 -1.12 -3.08
CA ILE D 24 2.04 0.12 -2.48
C ILE D 24 3.08 0.79 -3.37
N ASP D 25 4.04 0.00 -3.88
CA ASP D 25 5.08 0.55 -4.74
C ASP D 25 4.49 1.14 -6.01
N ARG D 26 3.49 0.47 -6.55
CA ARG D 26 2.83 0.95 -7.77
C ARG D 26 2.20 2.32 -7.55
N ILE D 27 1.46 2.46 -6.46
CA ILE D 27 0.79 3.72 -6.14
C ILE D 27 1.77 4.82 -5.71
N ILE D 28 2.84 4.42 -5.03
CA ILE D 28 3.84 5.37 -4.57
C ILE D 28 4.51 6.06 -5.75
N VAL D 29 4.77 5.31 -6.82
CA VAL D 29 5.40 5.89 -8.00
C VAL D 29 4.55 7.04 -8.52
N ALA D 30 3.24 6.82 -8.60
CA ALA D 30 2.32 7.85 -9.06
C ALA D 30 2.41 9.08 -8.17
N ILE D 31 2.50 8.86 -6.87
CA ILE D 31 2.60 9.97 -5.91
C ILE D 31 3.93 10.70 -6.02
N MSE D 32 5.02 9.97 -6.14
CA MSE D 32 6.34 10.57 -6.24
C MSE D 32 6.47 11.44 -7.50
O MSE D 32 7.26 12.39 -7.52
CB MSE D 32 7.43 9.50 -6.24
CG MSE D 32 7.63 8.88 -4.87
SE MSE D 32 8.83 7.38 -4.89
CE MSE D 32 10.51 8.34 -4.85
N GLU D 33 5.71 11.11 -8.53
CA GLU D 33 5.77 11.86 -9.78
C GLU D 33 4.67 12.90 -9.93
N THR D 34 3.95 13.17 -8.85
CA THR D 34 2.87 14.15 -8.88
C THR D 34 2.86 15.04 -7.63
N ASN D 35 2.77 14.43 -6.46
CA ASN D 35 2.75 15.18 -5.21
C ASN D 35 3.41 14.38 -4.09
N PRO D 36 4.74 14.31 -4.08
CA PRO D 36 5.50 13.57 -3.08
C PRO D 36 5.51 14.23 -1.69
N SER D 37 4.94 15.42 -1.60
CA SER D 37 4.92 16.15 -0.33
C SER D 37 4.27 15.33 0.79
N ILE D 38 3.30 14.50 0.44
CA ILE D 38 2.62 13.69 1.45
C ILE D 38 3.50 12.59 2.01
N LEU D 39 4.67 12.41 1.41
CA LEU D 39 5.60 11.37 1.87
C LEU D 39 6.59 11.90 2.92
N GLU D 40 6.47 13.18 3.26
CA GLU D 40 7.37 13.76 4.26
C GLU D 40 7.06 13.30 5.67
N VAL D 41 8.10 13.15 6.48
CA VAL D 41 7.94 12.78 7.88
C VAL D 41 8.68 13.81 8.71
N LYS D 42 8.13 14.12 9.88
CA LYS D 42 8.72 15.09 10.81
C LYS D 42 8.61 14.58 12.23
MG MG E . -13.16 -8.29 -4.07
PG GTP F . -13.47 -9.06 -0.92
O1G GTP F . -12.53 -9.79 -0.01
O2G GTP F . -12.74 -8.50 -2.13
O3G GTP F . -14.32 -8.01 -0.23
O3B GTP F . -14.42 -10.28 -1.44
PB GTP F . -15.48 -10.18 -2.63
O1B GTP F . -16.78 -9.68 -2.15
O2B GTP F . -14.91 -9.33 -3.78
O3A GTP F . -15.70 -11.71 -3.07
PA GTP F . -15.21 -12.40 -4.44
O1A GTP F . -15.85 -11.86 -5.63
O2A GTP F . -13.66 -12.27 -4.52
O5' GTP F . -15.69 -13.91 -4.21
C5' GTP F . -15.35 -14.59 -3.02
C4' GTP F . -15.45 -16.10 -3.28
O4' GTP F . -16.80 -16.43 -3.55
C3' GTP F . -14.66 -16.53 -4.51
O3' GTP F . -14.20 -17.86 -4.26
C2' GTP F . -15.70 -16.45 -5.61
O2' GTP F . -15.49 -17.25 -6.77
C1' GTP F . -16.95 -16.90 -4.87
N9 GTP F . -18.17 -16.39 -5.49
C8 GTP F . -18.45 -15.13 -5.97
N7 GTP F . -19.72 -15.15 -6.44
C5 GTP F . -20.25 -16.40 -6.23
C6 GTP F . -21.48 -16.99 -6.48
O6 GTP F . -22.39 -16.38 -7.01
N1 GTP F . -21.69 -18.31 -6.12
C2 GTP F . -20.70 -19.05 -5.53
N2 GTP F . -20.93 -20.31 -5.20
N3 GTP F . -19.46 -18.48 -5.27
C4 GTP F . -19.27 -17.17 -5.62
O1 MES G . -28.60 2.60 10.15
C2 MES G . -29.18 2.85 8.86
C3 MES G . -30.61 2.27 8.78
N4 MES G . -30.94 1.57 10.10
C5 MES G . -30.81 2.58 11.24
C6 MES G . -29.40 3.19 11.24
C7 MES G . -32.34 0.98 10.12
C8 MES G . -32.37 -0.36 10.83
S MES G . -34.04 -1.03 10.84
O1S MES G . -34.91 -0.07 11.51
O2S MES G . -33.97 -2.31 11.54
O3S MES G . -34.41 -1.19 9.43
MG MG H . 13.63 1.76 7.69
PG GTP I . 14.33 -1.26 6.93
O1G GTP I . 13.64 -2.55 7.20
O2G GTP I . 13.34 -0.10 7.03
O3G GTP I . 15.07 -1.21 5.59
O3B GTP I . 15.41 -1.17 8.13
PB GTP I . 16.31 0.11 8.52
O1B GTP I . 17.59 0.08 7.78
O2B GTP I . 15.49 1.41 8.41
O3A GTP I . 16.70 -0.21 10.04
PA GTP I . 16.14 0.58 11.33
O1A GTP I . 16.61 1.97 11.38
O2A GTP I . 14.62 0.40 11.49
O5' GTP I . 16.85 -0.20 12.52
C5' GTP I . 16.73 -1.61 12.59
C4' GTP I . 16.99 -2.06 14.03
O4' GTP I . 18.34 -1.77 14.36
C3' GTP I . 16.13 -1.31 15.04
O3' GTP I . 15.88 -2.13 16.18
C2' GTP I . 17.02 -0.16 15.45
O2' GTP I . 16.74 0.32 16.72
C1' GTP I . 18.41 -0.80 15.40
N9 GTP I . 19.50 0.13 15.12
C8 GTP I . 19.57 1.10 14.14
N7 GTP I . 20.77 1.71 14.25
C5 GTP I . 21.45 1.15 15.30
C6 GTP I . 22.71 1.40 15.86
O6 GTP I . 23.47 2.28 15.40
N1 GTP I . 23.12 0.66 16.93
C2 GTP I . 22.31 -0.34 17.47
N2 GTP I . 22.74 -1.05 18.51
N3 GTP I . 21.06 -0.59 16.91
C4 GTP I . 20.65 0.16 15.85
#